data_8OO6
#
_entry.id   8OO6
#
_cell.length_a   1.00
_cell.length_b   1.00
_cell.length_c   1.00
_cell.angle_alpha   90.00
_cell.angle_beta   90.00
_cell.angle_gamma   90.00
#
_symmetry.space_group_name_H-M   'P 1'
#
loop_
_entity.id
_entity.type
_entity.pdbx_description
1 polymer 'DNA polymerase I'
2 polymer 'Template DNA'
3 polymer 'Extending Primer'
4 polymer 'Displaced primer'
5 non-polymer 'MAGNESIUM ION'
#
loop_
_entity_poly.entity_id
_entity_poly.type
_entity_poly.pdbx_seq_one_letter_code
_entity_poly.pdbx_strand_id
1 'polypeptide(L)'
;GPHDNYVTILDEETLKAWIAKLEKAPVFAFDTETDSLDNISANLVGLSFAIEPGVAAYIPVAHDYLDAPDQISRERALEL
LKPLLEDEKALKVGQNLKYDRGILANYGIELRGIAFDTMLESYILNSVAGRHDMDSLAERWLKHKTITFEEIAGKGKNQL
TFNQIALEEAGRYAAEDADVTLQLHLKMWPDLQKHKGPLNVFENIEMPLVPVLSRIERNGVKIDPKVLHNHSEELTLRLA
ELEKKAHEIAGEEFNLSSTKQLQTILFEKQGIKPLKKTPGGAPSTSEEVLEELALDYPLPKVILEYRGLAKLKSTYTDKL
PLMINPKTGRVHTSYHQAVTATGRLSSTDPNLQNIPVRNEEGRRIRQAFIAPEDYVIVSADYSQIELRIMAHLSRDKGLL
TAFAEGKDIHRATAAEVFGLPLETVTSEQRRSAKAINFGLIYGMSAFGLARQLNIPRKEAQKYMDLYFERYPGVLEYMER
TRAQAKEQGYVETLDGRRLYLPDIKSSNGARRAAAERAAINAPMQGTAADIIKRAMIAVDAWLQAEQPRVRMIMQVHDEL
VFEVHKDDVDAVAKQIHQLMENCTRLDVPLLVEVGSGENWDQAH
;
A
2 'polydeoxyribonucleotide'
;(DC)(DA)(DA)(DC)(DG)(DT)(DC)(DG)(DT)(DG)(DA)(DC)(DT)(DG)(DG)(DG)(DA)(DA)(DA)(DA)
(DC)(DC)(DC)(DT)(DG)(DG)(DC)
;
T
3 'polydeoxyribonucleotide' (DG)(DC)(DC)(DA)(DG)(DG)(DG)(DT)(DT)(DT)(DT)(DC)(DC)(DC)(DA)(DG)(DT)(DC) P
4 'polydeoxyribonucleotide' (DA)(DC)(DG)(DA)(DC)(DG)(DT)(DT)(DG) D
#
loop_
_chem_comp.id
_chem_comp.type
_chem_comp.name
_chem_comp.formula
DA DNA linking 2'-DEOXYADENOSINE-5'-MONOPHOSPHATE 'C10 H14 N5 O6 P'
DC DNA linking 2'-DEOXYCYTIDINE-5'-MONOPHOSPHATE 'C9 H14 N3 O7 P'
DG DNA linking 2'-DEOXYGUANOSINE-5'-MONOPHOSPHATE 'C10 H14 N5 O7 P'
DT DNA linking THYMIDINE-5'-MONOPHOSPHATE 'C10 H15 N2 O8 P'
MG non-polymer 'MAGNESIUM ION' 'Mg 2'
#
# COMPACT_ATOMS: atom_id res chain seq x y z
N GLY A 1 -25.80 -9.27 20.81
CA GLY A 1 -24.57 -9.92 21.24
C GLY A 1 -24.79 -10.93 22.34
N PRO A 2 -25.00 -12.20 21.95
CA PRO A 2 -25.22 -13.28 22.94
C PRO A 2 -23.97 -13.58 23.76
N HIS A 3 -23.57 -12.62 24.58
CA HIS A 3 -22.39 -12.79 25.42
C HIS A 3 -22.69 -13.71 26.60
N ASP A 4 -21.64 -14.28 27.16
CA ASP A 4 -21.62 -15.23 28.29
C ASP A 4 -22.15 -16.60 27.90
N ASN A 5 -22.48 -16.85 26.64
CA ASN A 5 -22.91 -18.16 26.18
C ASN A 5 -21.76 -19.01 25.66
N TYR A 6 -20.53 -18.51 25.72
CA TYR A 6 -19.36 -19.20 25.21
C TYR A 6 -18.78 -20.11 26.30
N VAL A 7 -17.61 -20.67 26.01
CA VAL A 7 -16.94 -21.60 26.92
C VAL A 7 -15.43 -21.46 26.74
N THR A 8 -14.69 -21.66 27.83
CA THR A 8 -13.23 -21.67 27.81
C THR A 8 -12.76 -23.10 28.00
N ILE A 9 -11.87 -23.56 27.12
CA ILE A 9 -11.44 -24.95 27.10
C ILE A 9 -10.08 -25.06 27.77
N LEU A 10 -10.00 -25.89 28.82
CA LEU A 10 -8.76 -26.13 29.52
C LEU A 10 -8.29 -27.58 29.46
N ASP A 11 -9.00 -28.46 28.76
CA ASP A 11 -8.66 -29.87 28.71
C ASP A 11 -8.66 -30.35 27.26
N GLU A 12 -7.82 -31.36 26.99
CA GLU A 12 -7.66 -31.88 25.64
C GLU A 12 -8.85 -32.69 25.16
N GLU A 13 -9.58 -33.37 26.06
CA GLU A 13 -10.76 -34.12 25.63
C GLU A 13 -11.83 -33.20 25.08
N THR A 14 -12.08 -32.07 25.74
CA THR A 14 -12.99 -31.08 25.19
C THR A 14 -12.44 -30.50 23.90
N LEU A 15 -11.12 -30.49 23.72
CA LEU A 15 -10.55 -30.08 22.45
C LEU A 15 -10.90 -31.06 21.34
N LYS A 16 -10.84 -32.36 21.63
CA LYS A 16 -11.29 -33.35 20.65
C LYS A 16 -12.77 -33.16 20.34
N ALA A 17 -13.59 -32.92 21.36
CA ALA A 17 -15.01 -32.66 21.12
C ALA A 17 -15.20 -31.44 20.22
N TRP A 18 -14.45 -30.37 20.49
CA TRP A 18 -14.60 -29.14 19.72
C TRP A 18 -14.19 -29.34 18.27
N ILE A 19 -13.07 -30.05 18.02
CA ILE A 19 -12.67 -30.26 16.63
C ILE A 19 -13.61 -31.24 15.94
N ALA A 20 -14.22 -32.17 16.70
CA ALA A 20 -15.24 -33.04 16.14
C ALA A 20 -16.50 -32.26 15.77
N LYS A 21 -16.73 -31.14 16.45
CA LYS A 21 -17.74 -30.21 15.96
C LYS A 21 -17.25 -29.43 14.74
N LEU A 22 -15.95 -29.10 14.72
CA LEU A 22 -15.43 -28.20 13.69
C LEU A 22 -15.42 -28.84 12.31
N GLU A 23 -14.90 -30.07 12.19
CA GLU A 23 -14.48 -30.54 10.87
C GLU A 23 -15.66 -30.63 9.91
N LYS A 24 -16.86 -30.84 10.45
CA LYS A 24 -18.07 -30.96 9.64
C LYS A 24 -18.77 -29.62 9.40
N ALA A 25 -18.35 -28.56 10.08
CA ALA A 25 -18.95 -27.25 9.87
C ALA A 25 -18.51 -26.71 8.51
N PRO A 26 -19.42 -26.13 7.72
CA PRO A 26 -19.02 -25.54 6.44
C PRO A 26 -18.04 -24.38 6.61
N VAL A 27 -18.44 -23.39 7.41
CA VAL A 27 -17.57 -22.27 7.75
C VAL A 27 -17.60 -22.05 9.25
N PHE A 28 -16.50 -21.56 9.80
CA PHE A 28 -16.39 -21.34 11.24
C PHE A 28 -15.29 -20.32 11.50
N ALA A 29 -15.54 -19.41 12.43
CA ALA A 29 -14.58 -18.37 12.75
C ALA A 29 -13.33 -18.96 13.40
N PHE A 30 -12.19 -18.35 13.12
CA PHE A 30 -10.92 -18.77 13.70
C PHE A 30 -10.00 -17.57 13.82
N ASP A 31 -9.47 -17.35 15.03
CA ASP A 31 -8.56 -16.24 15.28
C ASP A 31 -7.56 -16.65 16.34
N THR A 32 -6.37 -16.06 16.28
CA THR A 32 -5.33 -16.29 17.26
C THR A 32 -4.83 -14.95 17.80
N GLU A 33 -4.26 -14.99 19.01
CA GLU A 33 -3.81 -13.78 19.70
C GLU A 33 -2.40 -13.99 20.20
N THR A 34 -1.65 -12.89 20.30
CA THR A 34 -0.28 -12.92 20.79
C THR A 34 0.05 -11.59 21.46
N ASP A 35 1.10 -11.60 22.27
CA ASP A 35 1.44 -10.44 23.09
C ASP A 35 1.90 -9.26 22.24
N SER A 36 2.79 -9.49 21.28
CA SER A 36 3.40 -8.43 20.50
C SER A 36 2.72 -8.28 19.14
N LEU A 37 2.84 -7.08 18.58
CA LEU A 37 2.26 -6.78 17.28
C LEU A 37 3.20 -7.09 16.12
N ASP A 38 4.44 -7.49 16.39
CA ASP A 38 5.39 -7.82 15.33
C ASP A 38 5.24 -9.30 14.98
N ASN A 39 4.83 -9.58 13.75
CA ASN A 39 4.54 -10.96 13.35
C ASN A 39 5.81 -11.80 13.26
N ILE A 40 6.98 -11.18 13.13
CA ILE A 40 8.19 -11.92 12.84
C ILE A 40 8.59 -12.80 14.02
N SER A 41 8.63 -12.22 15.23
CA SER A 41 8.90 -13.02 16.41
C SER A 41 7.62 -13.66 16.93
N ALA A 42 6.70 -12.83 17.44
CA ALA A 42 5.31 -13.19 17.73
C ALA A 42 5.11 -14.57 18.35
N ASN A 43 5.62 -14.79 19.56
CA ASN A 43 5.32 -16.04 20.26
C ASN A 43 3.83 -16.14 20.53
N LEU A 44 3.28 -17.33 20.32
CA LEU A 44 1.83 -17.52 20.35
C LEU A 44 1.31 -17.56 21.78
N VAL A 45 0.04 -17.15 21.94
CA VAL A 45 -0.62 -17.13 23.23
C VAL A 45 -1.83 -18.06 23.26
N GLY A 46 -2.74 -17.90 22.31
CA GLY A 46 -3.95 -18.71 22.29
C GLY A 46 -4.70 -18.58 20.98
N LEU A 47 -5.76 -19.37 20.87
CA LEU A 47 -6.58 -19.44 19.66
C LEU A 47 -8.03 -19.67 20.02
N SER A 48 -8.92 -19.37 19.09
CA SER A 48 -10.36 -19.46 19.31
C SER A 48 -11.05 -19.98 18.06
N PHE A 49 -12.25 -20.53 18.27
CA PHE A 49 -13.09 -21.01 17.19
C PHE A 49 -14.56 -20.76 17.54
N ALA A 50 -15.42 -20.85 16.52
CA ALA A 50 -16.86 -20.65 16.71
C ALA A 50 -17.57 -21.30 15.52
N ILE A 51 -18.48 -22.23 15.79
CA ILE A 51 -19.18 -22.93 14.72
C ILE A 51 -20.50 -22.23 14.38
N GLU A 52 -21.37 -22.07 15.36
CA GLU A 52 -22.69 -21.48 15.14
C GLU A 52 -22.81 -20.21 15.97
N PRO A 53 -23.71 -19.30 15.58
CA PRO A 53 -23.84 -18.03 16.31
C PRO A 53 -24.17 -18.25 17.77
N GLY A 54 -23.54 -17.44 18.63
CA GLY A 54 -23.74 -17.52 20.07
C GLY A 54 -22.89 -18.55 20.77
N VAL A 55 -22.10 -19.34 20.04
CA VAL A 55 -21.27 -20.40 20.61
C VAL A 55 -19.84 -20.18 20.13
N ALA A 56 -18.90 -20.18 21.07
CA ALA A 56 -17.48 -20.06 20.76
C ALA A 56 -16.67 -20.65 21.90
N ALA A 57 -15.41 -21.00 21.60
CA ALA A 57 -14.52 -21.60 22.58
C ALA A 57 -13.12 -21.02 22.42
N TYR A 58 -12.44 -20.80 23.55
CA TYR A 58 -11.07 -20.34 23.59
C TYR A 58 -10.20 -21.37 24.29
N ILE A 59 -8.98 -21.56 23.79
CA ILE A 59 -8.03 -22.51 24.35
C ILE A 59 -6.76 -21.73 24.71
N PRO A 60 -6.51 -21.45 25.99
CA PRO A 60 -5.26 -20.77 26.36
C PRO A 60 -4.10 -21.73 26.47
N VAL A 61 -3.11 -21.59 25.59
CA VAL A 61 -1.97 -22.50 25.56
C VAL A 61 -0.68 -21.87 26.04
N ALA A 62 -0.63 -20.54 26.19
CA ALA A 62 0.59 -19.88 26.64
C ALA A 62 0.19 -18.62 27.41
N HIS A 63 0.28 -18.70 28.73
CA HIS A 63 0.06 -17.54 29.59
C HIS A 63 1.09 -17.58 30.70
N ASP A 64 1.40 -16.41 31.26
CA ASP A 64 2.47 -16.26 32.25
C ASP A 64 1.94 -15.62 33.53
N TYR A 65 0.68 -15.19 33.54
CA TYR A 65 0.12 -14.52 34.71
C TYR A 65 0.09 -15.45 35.90
N LEU A 66 0.03 -14.85 37.09
CA LEU A 66 0.21 -15.59 38.34
C LEU A 66 -0.88 -16.64 38.51
N ASP A 67 -0.45 -17.86 38.86
CA ASP A 67 -1.35 -18.98 39.14
C ASP A 67 -2.23 -19.31 37.93
N ALA A 68 -1.59 -19.82 36.88
CA ALA A 68 -2.29 -20.28 35.69
C ALA A 68 -2.46 -21.79 35.71
N PRO A 69 -3.67 -22.29 35.97
CA PRO A 69 -3.85 -23.75 36.13
C PRO A 69 -4.17 -24.47 34.84
N ASP A 70 -3.53 -25.62 34.62
CA ASP A 70 -3.90 -26.58 33.58
C ASP A 70 -3.98 -25.96 32.19
N GLN A 71 -3.01 -25.13 31.83
CA GLN A 71 -2.98 -24.58 30.48
C GLN A 71 -2.34 -25.57 29.53
N ILE A 72 -3.09 -25.95 28.49
CA ILE A 72 -2.65 -27.02 27.59
C ILE A 72 -1.37 -26.61 26.88
N SER A 73 -0.46 -27.57 26.73
CA SER A 73 0.79 -27.33 26.02
C SER A 73 0.50 -26.94 24.58
N ARG A 74 1.23 -25.94 24.09
CA ARG A 74 1.02 -25.46 22.72
C ARG A 74 1.35 -26.55 21.70
N GLU A 75 2.31 -27.42 22.01
CA GLU A 75 2.72 -28.46 21.08
C GLU A 75 1.57 -29.44 20.81
N ARG A 76 0.92 -29.92 21.87
CA ARG A 76 -0.17 -30.87 21.69
C ARG A 76 -1.34 -30.23 20.96
N ALA A 77 -1.66 -28.98 21.28
CA ALA A 77 -2.75 -28.29 20.58
C ALA A 77 -2.44 -28.13 19.10
N LEU A 78 -1.20 -27.75 18.78
CA LEU A 78 -0.81 -27.61 17.37
C LEU A 78 -0.88 -28.95 16.64
N GLU A 79 -0.40 -30.01 17.29
CA GLU A 79 -0.44 -31.34 16.67
C GLU A 79 -1.87 -31.79 16.42
N LEU A 80 -2.76 -31.54 17.39
CA LEU A 80 -4.15 -31.96 17.23
C LEU A 80 -4.87 -31.16 16.17
N LEU A 81 -4.59 -29.85 16.09
CA LEU A 81 -5.28 -28.99 15.15
C LEU A 81 -4.65 -29.00 13.75
N LYS A 82 -3.46 -29.58 13.60
CA LYS A 82 -2.81 -29.64 12.29
C LYS A 82 -3.65 -30.30 11.19
N PRO A 83 -4.31 -31.45 11.43
CA PRO A 83 -5.18 -31.99 10.37
C PRO A 83 -6.29 -31.03 9.95
N LEU A 84 -6.84 -30.27 10.90
CA LEU A 84 -7.85 -29.28 10.54
C LEU A 84 -7.22 -28.07 9.86
N LEU A 85 -6.06 -27.63 10.36
CA LEU A 85 -5.43 -26.43 9.82
C LEU A 85 -4.92 -26.65 8.41
N GLU A 86 -4.25 -27.78 8.16
CA GLU A 86 -3.63 -28.01 6.86
C GLU A 86 -4.61 -28.52 5.83
N ASP A 87 -5.84 -28.83 6.22
CA ASP A 87 -6.84 -29.31 5.26
C ASP A 87 -7.24 -28.20 4.31
N GLU A 88 -7.33 -28.54 3.02
CA GLU A 88 -7.73 -27.56 2.02
C GLU A 88 -9.26 -27.42 1.96
N LYS A 89 -9.98 -28.52 2.21
CA LYS A 89 -11.43 -28.49 2.12
C LYS A 89 -12.04 -27.58 3.18
N ALA A 90 -11.48 -27.60 4.39
CA ALA A 90 -12.05 -26.81 5.48
C ALA A 90 -12.06 -25.33 5.14
N LEU A 91 -13.20 -24.69 5.36
CA LEU A 91 -13.40 -23.29 5.02
C LEU A 91 -13.44 -22.48 6.31
N LYS A 92 -12.64 -21.42 6.37
CA LYS A 92 -12.50 -20.61 7.57
C LYS A 92 -12.82 -19.15 7.28
N VAL A 93 -13.21 -18.44 8.34
CA VAL A 93 -13.43 -17.01 8.30
C VAL A 93 -12.71 -16.38 9.49
N GLY A 94 -12.39 -15.10 9.36
CA GLY A 94 -11.68 -14.41 10.41
C GLY A 94 -11.35 -12.99 10.00
N GLN A 95 -10.55 -12.34 10.86
CA GLN A 95 -10.14 -10.96 10.68
C GLN A 95 -8.62 -10.90 10.55
N ASN A 96 -8.14 -10.24 9.50
CA ASN A 96 -6.71 -10.09 9.23
C ASN A 96 -6.02 -11.45 9.19
N LEU A 97 -6.57 -12.33 8.34
CA LEU A 97 -6.07 -13.70 8.26
C LEU A 97 -4.64 -13.79 7.76
N LYS A 98 -4.11 -12.73 7.13
CA LYS A 98 -2.70 -12.73 6.77
C LYS A 98 -1.83 -12.81 8.02
N TYR A 99 -2.20 -12.06 9.06
CA TYR A 99 -1.48 -12.13 10.33
C TYR A 99 -1.56 -13.53 10.91
N ASP A 100 -2.75 -14.14 10.89
CA ASP A 100 -2.93 -15.48 11.44
C ASP A 100 -2.08 -16.50 10.70
N ARG A 101 -2.08 -16.42 9.37
CA ARG A 101 -1.29 -17.35 8.56
C ARG A 101 0.21 -17.15 8.83
N GLY A 102 0.64 -15.90 9.00
CA GLY A 102 2.03 -15.65 9.35
C GLY A 102 2.41 -16.25 10.69
N ILE A 103 1.55 -16.09 11.69
CA ILE A 103 1.83 -16.66 13.01
C ILE A 103 1.90 -18.17 12.92
N LEU A 104 0.97 -18.79 12.19
CA LEU A 104 1.01 -20.24 12.03
C LEU A 104 2.26 -20.69 11.29
N ALA A 105 2.66 -19.95 10.25
CA ALA A 105 3.85 -20.30 9.49
C ALA A 105 5.11 -20.14 10.32
N ASN A 106 5.09 -19.24 11.32
CA ASN A 106 6.23 -19.12 12.22
C ASN A 106 6.50 -20.43 12.96
N TYR A 107 5.47 -21.25 13.16
CA TYR A 107 5.62 -22.57 13.75
C TYR A 107 5.73 -23.68 12.72
N GLY A 108 5.74 -23.34 11.43
CA GLY A 108 5.92 -24.33 10.39
C GLY A 108 4.66 -25.00 9.88
N ILE A 109 3.49 -24.40 10.10
CA ILE A 109 2.22 -24.94 9.62
C ILE A 109 1.60 -23.92 8.68
N GLU A 110 1.19 -24.38 7.50
CA GLU A 110 0.65 -23.52 6.45
C GLU A 110 -0.86 -23.71 6.37
N LEU A 111 -1.61 -22.71 6.83
CA LEU A 111 -3.06 -22.74 6.68
C LEU A 111 -3.44 -22.68 5.20
N ARG A 112 -4.41 -23.48 4.82
CA ARG A 112 -4.78 -23.65 3.41
C ARG A 112 -6.17 -23.16 3.10
N GLY A 113 -7.18 -23.60 3.84
CA GLY A 113 -8.57 -23.28 3.52
C GLY A 113 -9.02 -21.91 3.99
N ILE A 114 -8.47 -20.86 3.39
CA ILE A 114 -8.89 -19.50 3.71
C ILE A 114 -10.10 -19.14 2.86
N ALA A 115 -11.29 -19.22 3.47
CA ALA A 115 -12.52 -19.05 2.71
C ALA A 115 -12.92 -17.58 2.58
N PHE A 116 -13.12 -16.91 3.71
CA PHE A 116 -13.55 -15.51 3.70
C PHE A 116 -12.84 -14.74 4.79
N ASP A 117 -12.62 -13.45 4.54
CA ASP A 117 -12.09 -12.50 5.51
C ASP A 117 -12.98 -11.26 5.52
N THR A 118 -13.44 -10.88 6.72
CA THR A 118 -14.49 -9.85 6.81
C THR A 118 -14.01 -8.50 6.28
N MET A 119 -12.76 -8.13 6.54
CA MET A 119 -12.27 -6.83 6.09
C MET A 119 -12.31 -6.72 4.56
N LEU A 120 -11.94 -7.80 3.87
CA LEU A 120 -12.05 -7.83 2.41
C LEU A 120 -13.50 -7.73 1.97
N GLU A 121 -14.41 -8.41 2.67
CA GLU A 121 -15.84 -8.31 2.39
C GLU A 121 -16.28 -6.85 2.41
N SER A 122 -15.96 -6.15 3.49
CA SER A 122 -16.38 -4.75 3.62
C SER A 122 -15.72 -3.88 2.57
N TYR A 123 -14.43 -4.13 2.30
CA TYR A 123 -13.71 -3.30 1.35
C TYR A 123 -14.28 -3.43 -0.06
N ILE A 124 -14.66 -4.66 -0.45
CA ILE A 124 -15.17 -4.87 -1.79
C ILE A 124 -16.63 -4.44 -1.91
N LEU A 125 -17.36 -4.40 -0.78
CA LEU A 125 -18.70 -3.82 -0.80
C LEU A 125 -18.67 -2.34 -1.13
N ASN A 126 -17.87 -1.57 -0.39
CA ASN A 126 -17.88 -0.11 -0.54
C ASN A 126 -16.54 0.39 0.00
N SER A 127 -15.66 0.81 -0.91
CA SER A 127 -14.34 1.27 -0.50
C SER A 127 -14.43 2.49 0.41
N VAL A 128 -15.16 3.51 -0.01
CA VAL A 128 -15.34 4.69 0.83
C VAL A 128 -16.60 4.52 1.69
N ALA A 129 -16.43 3.87 2.84
CA ALA A 129 -17.49 3.70 3.82
C ALA A 129 -16.99 3.82 5.25
N GLY A 130 -15.88 4.53 5.45
CA GLY A 130 -15.26 4.59 6.76
C GLY A 130 -14.14 3.58 6.91
N ARG A 131 -13.72 3.40 8.16
CA ARG A 131 -12.65 2.45 8.46
C ARG A 131 -13.14 1.02 8.28
N HIS A 132 -12.21 0.12 7.99
CA HIS A 132 -12.54 -1.29 7.78
C HIS A 132 -11.98 -2.20 8.87
N ASP A 133 -11.56 -1.64 10.00
CA ASP A 133 -11.18 -2.47 11.13
C ASP A 133 -12.41 -2.93 11.89
N MET A 134 -12.18 -3.76 12.92
CA MET A 134 -13.26 -4.51 13.54
C MET A 134 -14.30 -3.58 14.17
N ASP A 135 -13.86 -2.50 14.82
CA ASP A 135 -14.79 -1.64 15.53
C ASP A 135 -15.81 -1.01 14.57
N SER A 136 -15.35 -0.58 13.39
CA SER A 136 -16.27 0.05 12.44
C SER A 136 -17.25 -0.96 11.87
N LEU A 137 -16.80 -2.18 11.57
CA LEU A 137 -17.72 -3.21 11.12
C LEU A 137 -18.78 -3.50 12.18
N ALA A 138 -18.36 -3.65 13.44
CA ALA A 138 -19.31 -3.89 14.50
C ALA A 138 -20.31 -2.76 14.61
N GLU A 139 -19.84 -1.51 14.57
CA GLU A 139 -20.74 -0.38 14.74
C GLU A 139 -21.72 -0.26 13.59
N ARG A 140 -21.26 -0.47 12.36
CA ARG A 140 -22.09 -0.16 11.21
C ARG A 140 -22.91 -1.34 10.69
N TRP A 141 -22.68 -2.57 11.15
CA TRP A 141 -23.56 -3.67 10.78
C TRP A 141 -24.07 -4.52 11.93
N LEU A 142 -23.57 -4.34 13.15
CA LEU A 142 -24.15 -4.97 14.31
C LEU A 142 -24.72 -3.96 15.29
N LYS A 143 -24.27 -2.72 15.25
CA LYS A 143 -24.77 -1.64 16.11
C LYS A 143 -24.58 -2.00 17.59
N HIS A 144 -23.53 -2.76 17.86
CA HIS A 144 -23.21 -3.22 19.22
C HIS A 144 -21.77 -2.87 19.53
N LYS A 145 -21.57 -2.02 20.53
CA LYS A 145 -20.21 -1.68 20.96
C LYS A 145 -19.57 -2.90 21.60
N THR A 146 -18.31 -3.13 21.25
CA THR A 146 -17.58 -4.33 21.68
C THR A 146 -16.48 -3.96 22.65
N ILE A 147 -16.10 -4.94 23.48
CA ILE A 147 -15.05 -4.77 24.46
C ILE A 147 -13.71 -4.74 23.71
N THR A 148 -12.91 -3.71 23.96
CA THR A 148 -11.60 -3.60 23.34
C THR A 148 -10.51 -3.93 24.36
N PHE A 149 -9.31 -4.19 23.84
CA PHE A 149 -8.19 -4.55 24.70
C PHE A 149 -7.79 -3.40 25.60
N GLU A 150 -8.09 -2.16 25.19
CA GLU A 150 -7.77 -0.99 26.01
C GLU A 150 -8.52 -1.03 27.34
N GLU A 151 -9.72 -1.60 27.35
CA GLU A 151 -10.51 -1.65 28.59
C GLU A 151 -9.81 -2.48 29.65
N ILE A 152 -9.21 -3.60 29.26
CA ILE A 152 -8.53 -4.49 30.21
C ILE A 152 -7.06 -4.14 30.34
N ALA A 153 -6.53 -3.29 29.48
CA ALA A 153 -5.13 -2.90 29.51
C ALA A 153 -5.00 -1.46 30.02
N GLY A 154 -3.75 -0.97 30.04
CA GLY A 154 -3.49 0.39 30.50
C GLY A 154 -3.84 1.42 29.45
N LYS A 155 -3.68 2.69 29.84
CA LYS A 155 -4.07 3.79 28.96
C LYS A 155 -3.05 4.01 27.86
N GLY A 156 -1.83 4.41 28.22
CA GLY A 156 -0.80 4.63 27.22
C GLY A 156 0.55 4.05 27.58
N LYS A 157 0.74 3.64 28.84
CA LYS A 157 2.02 3.10 29.28
C LYS A 157 1.90 1.65 29.75
N ASN A 158 1.01 1.36 30.68
CA ASN A 158 0.97 0.04 31.33
C ASN A 158 -0.04 -0.88 30.63
N GLN A 159 0.16 -1.06 29.34
CA GLN A 159 -0.63 -2.02 28.56
C GLN A 159 -0.01 -3.40 28.77
N LEU A 160 -0.48 -4.10 29.80
CA LEU A 160 0.05 -5.41 30.12
C LEU A 160 -0.19 -6.38 28.97
N THR A 161 0.78 -7.24 28.71
CA THR A 161 0.71 -8.13 27.57
C THR A 161 -0.42 -9.14 27.74
N PHE A 162 -0.90 -9.67 26.60
CA PHE A 162 -2.06 -10.55 26.63
C PHE A 162 -1.74 -11.87 27.33
N ASN A 163 -0.46 -12.23 27.44
CA ASN A 163 -0.09 -13.46 28.13
C ASN A 163 -0.26 -13.34 29.64
N GLN A 164 -0.01 -12.16 30.21
CA GLN A 164 -0.05 -11.96 31.65
C GLN A 164 -1.40 -11.42 32.13
N ILE A 165 -2.48 -11.70 31.42
CA ILE A 165 -3.83 -11.37 31.86
C ILE A 165 -4.53 -12.66 32.27
N ALA A 166 -5.52 -12.54 33.15
CA ALA A 166 -6.23 -13.72 33.64
C ALA A 166 -7.05 -14.35 32.52
N LEU A 167 -7.36 -15.64 32.70
CA LEU A 167 -7.94 -16.42 31.61
C LEU A 167 -9.40 -16.06 31.34
N GLU A 168 -10.14 -15.65 32.37
CA GLU A 168 -11.59 -15.51 32.22
C GLU A 168 -11.95 -14.39 31.25
N GLU A 169 -11.56 -13.15 31.57
CA GLU A 169 -11.94 -12.02 30.73
C GLU A 169 -11.25 -12.11 29.37
N ALA A 170 -10.02 -12.65 29.33
CA ALA A 170 -9.34 -12.82 28.05
C ALA A 170 -10.10 -13.80 27.16
N GLY A 171 -10.56 -14.91 27.72
CA GLY A 171 -11.34 -15.86 26.95
C GLY A 171 -12.66 -15.28 26.49
N ARG A 172 -13.32 -14.51 27.36
CA ARG A 172 -14.56 -13.85 26.97
C ARG A 172 -14.31 -12.87 25.82
N TYR A 173 -13.23 -12.10 25.90
CA TYR A 173 -12.83 -11.20 24.83
C TYR A 173 -12.65 -11.94 23.51
N ALA A 174 -11.84 -13.00 23.53
CA ALA A 174 -11.56 -13.74 22.31
C ALA A 174 -12.81 -14.37 21.72
N ALA A 175 -13.63 -14.97 22.58
CA ALA A 175 -14.86 -15.61 22.11
C ALA A 175 -15.82 -14.59 21.52
N GLU A 176 -15.96 -13.42 22.16
CA GLU A 176 -16.80 -12.37 21.61
C GLU A 176 -16.28 -11.90 20.26
N ASP A 177 -14.96 -11.74 20.13
CA ASP A 177 -14.39 -11.31 18.85
C ASP A 177 -14.69 -12.32 17.76
N ALA A 178 -14.47 -13.61 18.04
CA ALA A 178 -14.72 -14.64 17.04
C ALA A 178 -16.20 -14.70 16.68
N ASP A 179 -17.08 -14.58 17.68
CA ASP A 179 -18.50 -14.59 17.40
C ASP A 179 -18.92 -13.41 16.52
N VAL A 180 -18.47 -12.19 16.86
CA VAL A 180 -18.83 -11.02 16.07
C VAL A 180 -18.33 -11.17 14.64
N THR A 181 -17.11 -11.71 14.48
CA THR A 181 -16.66 -12.04 13.13
C THR A 181 -17.62 -12.99 12.44
N LEU A 182 -18.13 -13.98 13.18
CA LEU A 182 -19.03 -14.97 12.57
C LEU A 182 -20.33 -14.33 12.07
N GLN A 183 -20.99 -13.54 12.93
CA GLN A 183 -22.22 -12.89 12.45
C GLN A 183 -21.94 -11.86 11.37
N LEU A 184 -20.80 -11.16 11.43
CA LEU A 184 -20.46 -10.24 10.35
C LEU A 184 -20.36 -10.99 9.02
N HIS A 185 -19.66 -12.13 9.00
CA HIS A 185 -19.60 -12.92 7.78
C HIS A 185 -20.98 -13.37 7.34
N LEU A 186 -21.77 -13.92 8.27
CA LEU A 186 -23.07 -14.48 7.90
C LEU A 186 -24.01 -13.41 7.38
N LYS A 187 -23.83 -12.16 7.82
CA LYS A 187 -24.66 -11.09 7.31
C LYS A 187 -24.13 -10.56 5.98
N MET A 188 -22.81 -10.42 5.86
CA MET A 188 -22.24 -9.70 4.72
C MET A 188 -22.18 -10.56 3.47
N TRP A 189 -21.89 -11.85 3.62
CA TRP A 189 -21.64 -12.70 2.46
C TRP A 189 -22.84 -12.83 1.53
N PRO A 190 -24.07 -13.10 2.02
CA PRO A 190 -25.22 -13.13 1.10
C PRO A 190 -25.43 -11.83 0.33
N ASP A 191 -25.13 -10.69 0.95
CA ASP A 191 -25.27 -9.41 0.25
C ASP A 191 -24.29 -9.31 -0.90
N LEU A 192 -23.08 -9.81 -0.72
CA LEU A 192 -22.14 -9.89 -1.84
C LEU A 192 -22.58 -10.91 -2.88
N GLN A 193 -23.36 -11.91 -2.49
CA GLN A 193 -23.86 -12.85 -3.48
C GLN A 193 -24.77 -12.18 -4.51
N LYS A 194 -25.28 -10.98 -4.21
CA LYS A 194 -26.22 -10.33 -5.11
C LYS A 194 -25.51 -9.82 -6.38
N HIS A 195 -24.45 -9.06 -6.21
CA HIS A 195 -23.76 -8.48 -7.37
C HIS A 195 -22.87 -9.51 -8.05
N LYS A 196 -22.54 -9.23 -9.31
CA LYS A 196 -21.76 -10.15 -10.13
C LYS A 196 -20.29 -9.75 -10.22
N GLY A 197 -20.02 -8.53 -10.67
CA GLY A 197 -18.67 -8.06 -10.88
C GLY A 197 -17.81 -8.03 -9.63
N PRO A 198 -18.32 -7.42 -8.55
CA PRO A 198 -17.60 -7.50 -7.27
C PRO A 198 -17.39 -8.91 -6.80
N LEU A 199 -18.37 -9.80 -7.02
CA LEU A 199 -18.20 -11.20 -6.61
C LEU A 199 -17.07 -11.86 -7.38
N ASN A 200 -17.00 -11.63 -8.70
CA ASN A 200 -15.91 -12.18 -9.49
C ASN A 200 -14.56 -11.63 -9.06
N VAL A 201 -14.48 -10.33 -8.80
CA VAL A 201 -13.23 -9.74 -8.34
C VAL A 201 -12.82 -10.36 -7.01
N PHE A 202 -13.76 -10.48 -6.07
CA PHE A 202 -13.47 -11.05 -4.76
C PHE A 202 -12.99 -12.49 -4.88
N GLU A 203 -13.62 -13.28 -5.75
CA GLU A 203 -13.27 -14.69 -5.85
C GLU A 203 -11.96 -14.89 -6.61
N ASN A 204 -11.61 -13.98 -7.51
CA ASN A 204 -10.45 -14.23 -8.36
C ASN A 204 -9.18 -13.55 -7.83
N ILE A 205 -9.25 -12.27 -7.48
CA ILE A 205 -8.06 -11.47 -7.21
C ILE A 205 -7.79 -11.33 -5.72
N GLU A 206 -8.76 -10.82 -4.96
CA GLU A 206 -8.47 -10.33 -3.61
C GLU A 206 -8.06 -11.46 -2.67
N MET A 207 -8.88 -12.52 -2.58
CA MET A 207 -8.62 -13.52 -1.56
C MET A 207 -7.33 -14.29 -1.76
N PRO A 208 -7.03 -14.86 -2.94
CA PRO A 208 -5.78 -15.62 -3.07
C PRO A 208 -4.54 -14.76 -2.87
N LEU A 209 -4.71 -13.46 -2.65
CA LEU A 209 -3.56 -12.56 -2.47
C LEU A 209 -3.12 -12.51 -1.02
N VAL A 210 -3.90 -13.07 -0.10
CA VAL A 210 -3.46 -13.13 1.30
C VAL A 210 -2.23 -14.01 1.47
N PRO A 211 -2.18 -15.25 0.98
CA PRO A 211 -0.96 -16.05 1.15
C PRO A 211 0.27 -15.44 0.50
N VAL A 212 0.13 -14.81 -0.66
CA VAL A 212 1.30 -14.22 -1.31
C VAL A 212 1.81 -13.04 -0.51
N LEU A 213 0.91 -12.21 0.02
CA LEU A 213 1.35 -11.11 0.87
C LEU A 213 2.02 -11.63 2.12
N SER A 214 1.49 -12.69 2.73
CA SER A 214 2.11 -13.26 3.91
C SER A 214 3.52 -13.77 3.62
N ARG A 215 3.68 -14.49 2.50
CA ARG A 215 5.01 -15.00 2.15
C ARG A 215 5.97 -13.86 1.83
N ILE A 216 5.50 -12.83 1.13
CA ILE A 216 6.36 -11.70 0.78
C ILE A 216 6.81 -10.97 2.04
N GLU A 217 5.89 -10.82 2.99
CA GLU A 217 6.26 -10.21 4.27
C GLU A 217 7.28 -11.07 5.01
N ARG A 218 7.11 -12.39 4.98
CA ARG A 218 8.02 -13.28 5.67
C ARG A 218 9.40 -13.29 5.01
N ASN A 219 9.47 -13.01 3.71
CA ASN A 219 10.76 -13.00 3.03
C ASN A 219 11.67 -11.90 3.58
N GLY A 220 11.15 -10.68 3.71
CA GLY A 220 11.93 -9.57 4.21
C GLY A 220 12.82 -8.95 3.15
N VAL A 221 13.42 -7.82 3.52
CA VAL A 221 14.32 -7.08 2.64
C VAL A 221 15.61 -6.80 3.40
N LYS A 222 16.72 -6.77 2.66
CA LYS A 222 18.05 -6.63 3.25
C LYS A 222 18.58 -5.21 3.03
N ILE A 223 19.16 -4.64 4.07
CA ILE A 223 19.76 -3.31 3.99
C ILE A 223 21.00 -3.29 4.90
N ASP A 224 21.93 -2.40 4.57
CA ASP A 224 23.15 -2.26 5.35
C ASP A 224 23.07 -1.01 6.22
N PRO A 225 23.08 -1.13 7.54
CA PRO A 225 23.11 0.08 8.39
C PRO A 225 24.37 0.91 8.22
N LYS A 226 25.47 0.28 7.79
CA LYS A 226 26.75 0.98 7.74
C LYS A 226 26.74 2.12 6.73
N VAL A 227 26.19 1.88 5.53
CA VAL A 227 26.18 2.93 4.50
C VAL A 227 25.31 4.10 4.96
N LEU A 228 24.16 3.80 5.56
CA LEU A 228 23.29 4.86 6.08
C LEU A 228 24.01 5.67 7.15
N HIS A 229 24.69 4.98 8.07
CA HIS A 229 25.41 5.65 9.14
C HIS A 229 26.50 6.56 8.58
N ASN A 230 27.25 6.08 7.58
CA ASN A 230 28.28 6.89 6.97
C ASN A 230 27.68 8.12 6.28
N HIS A 231 26.60 7.92 5.53
CA HIS A 231 25.98 9.03 4.79
C HIS A 231 25.42 10.08 5.76
N SER A 232 25.01 9.65 6.95
CA SER A 232 24.45 10.58 7.92
C SER A 232 25.46 11.65 8.33
N GLU A 233 26.75 11.29 8.44
CA GLU A 233 27.75 12.27 8.84
C GLU A 233 27.91 13.36 7.79
N GLU A 234 27.95 12.99 6.50
CA GLU A 234 28.02 14.02 5.46
C GLU A 234 26.75 14.87 5.45
N LEU A 235 25.60 14.26 5.70
CA LEU A 235 24.37 15.03 5.82
C LEU A 235 24.49 16.08 6.93
N THR A 236 24.94 15.65 8.11
CA THR A 236 25.07 16.57 9.25
C THR A 236 26.07 17.67 8.96
N LEU A 237 27.21 17.32 8.35
CA LEU A 237 28.17 18.35 7.96
C LEU A 237 27.52 19.37 7.04
N ARG A 238 27.03 18.94 5.88
CA ARG A 238 26.46 19.85 4.90
C ARG A 238 25.40 20.75 5.53
N LEU A 239 24.51 20.18 6.33
CA LEU A 239 23.48 21.01 6.97
C LEU A 239 24.12 21.99 7.93
N ALA A 240 25.22 21.61 8.59
CA ALA A 240 25.89 22.53 9.50
C ALA A 240 26.43 23.75 8.77
N GLU A 241 27.19 23.54 7.69
CA GLU A 241 27.73 24.71 6.98
C GLU A 241 26.62 25.54 6.34
N LEU A 242 25.62 24.90 5.73
CA LEU A 242 24.53 25.70 5.14
C LEU A 242 23.75 26.48 6.21
N GLU A 243 23.54 25.88 7.38
CA GLU A 243 22.87 26.58 8.47
C GLU A 243 23.70 27.77 8.94
N LYS A 244 25.02 27.58 9.06
CA LYS A 244 25.88 28.69 9.47
C LYS A 244 25.80 29.84 8.47
N LYS A 245 25.86 29.52 7.17
CA LYS A 245 25.76 30.56 6.16
C LYS A 245 24.40 31.26 6.19
N ALA A 246 23.33 30.48 6.37
CA ALA A 246 22.00 31.08 6.42
C ALA A 246 21.85 32.01 7.61
N HIS A 247 22.36 31.60 8.78
CA HIS A 247 22.24 32.44 9.97
C HIS A 247 23.16 33.65 9.90
N GLU A 248 24.29 33.54 9.21
CA GLU A 248 25.10 34.74 9.02
C GLU A 248 24.45 35.69 8.02
N ILE A 249 23.68 35.14 7.08
CA ILE A 249 22.90 36.00 6.19
C ILE A 249 21.80 36.72 6.96
N ALA A 250 21.08 35.99 7.79
CA ALA A 250 19.99 36.56 8.59
C ALA A 250 20.48 37.34 9.79
N GLY A 251 21.62 36.97 10.37
CA GLY A 251 22.11 37.63 11.56
C GLY A 251 21.39 37.21 12.82
N GLU A 252 20.57 36.18 12.72
CA GLU A 252 19.80 35.67 13.84
C GLU A 252 19.75 34.15 13.76
N GLU A 253 19.61 33.50 14.92
CA GLU A 253 19.58 32.06 15.00
C GLU A 253 18.14 31.59 15.17
N PHE A 254 17.68 30.74 14.25
CA PHE A 254 16.33 30.22 14.27
C PHE A 254 16.33 28.83 13.67
N ASN A 255 15.28 28.07 13.97
CA ASN A 255 15.14 26.71 13.44
C ASN A 255 14.70 26.78 11.98
N LEU A 256 15.58 26.36 11.07
CA LEU A 256 15.25 26.36 9.65
C LEU A 256 14.24 25.28 9.28
N SER A 257 13.91 24.38 10.19
CA SER A 257 12.83 23.41 9.97
C SER A 257 11.51 23.90 10.54
N SER A 258 11.46 25.11 11.09
CA SER A 258 10.25 25.69 11.66
C SER A 258 9.68 26.68 10.64
N THR A 259 8.55 26.33 10.04
CA THR A 259 7.98 27.14 8.96
C THR A 259 7.57 28.51 9.47
N LYS A 260 7.02 28.59 10.68
CA LYS A 260 6.56 29.86 11.22
C LYS A 260 7.70 30.87 11.32
N GLN A 261 8.81 30.46 11.94
CA GLN A 261 9.95 31.35 12.08
C GLN A 261 10.50 31.76 10.71
N LEU A 262 10.57 30.81 9.78
CA LEU A 262 11.07 31.11 8.44
C LEU A 262 10.22 32.17 7.76
N GLN A 263 8.90 31.98 7.73
CA GLN A 263 8.05 32.94 7.04
C GLN A 263 8.09 34.30 7.74
N THR A 264 8.14 34.30 9.08
CA THR A 264 8.22 35.57 9.80
C THR A 264 9.49 36.32 9.43
N ILE A 265 10.66 35.66 9.54
CA ILE A 265 11.92 36.36 9.30
C ILE A 265 12.01 36.79 7.84
N LEU A 266 11.60 35.93 6.91
CA LEU A 266 11.67 36.29 5.50
C LEU A 266 10.79 37.50 5.20
N PHE A 267 9.52 37.44 5.60
CA PHE A 267 8.60 38.51 5.23
C PHE A 267 8.84 39.78 6.03
N GLU A 268 9.62 39.71 7.11
CA GLU A 268 9.95 40.94 7.81
C GLU A 268 11.27 41.53 7.32
N LYS A 269 12.14 40.71 6.73
CA LYS A 269 13.38 41.23 6.17
C LYS A 269 13.17 41.76 4.75
N GLN A 270 12.69 40.90 3.84
CA GLN A 270 12.54 41.32 2.45
C GLN A 270 11.41 42.33 2.29
N GLY A 271 10.36 42.21 3.10
CA GLY A 271 9.23 43.11 2.98
C GLY A 271 8.49 43.03 1.67
N ILE A 272 8.60 41.91 0.97
CA ILE A 272 7.98 41.75 -0.35
C ILE A 272 6.63 41.07 -0.19
N LYS A 273 5.75 41.31 -1.14
CA LYS A 273 4.39 40.79 -1.08
C LYS A 273 4.41 39.26 -1.08
N PRO A 274 3.54 38.61 -0.31
CA PRO A 274 3.42 37.14 -0.36
C PRO A 274 2.57 36.71 -1.55
N LEU A 275 3.17 35.95 -2.46
CA LEU A 275 2.48 35.60 -3.70
C LEU A 275 1.34 34.61 -3.47
N LYS A 276 1.59 33.56 -2.68
CA LYS A 276 0.61 32.51 -2.47
C LYS A 276 0.34 32.34 -0.98
N LYS A 277 -0.86 31.86 -0.67
CA LYS A 277 -1.31 31.69 0.70
C LYS A 277 -1.59 30.21 0.98
N THR A 278 -1.53 29.86 2.26
CA THR A 278 -1.81 28.50 2.70
C THR A 278 -3.30 28.18 2.49
N PRO A 279 -3.65 26.90 2.34
CA PRO A 279 -5.06 26.54 2.17
C PRO A 279 -5.94 26.98 3.34
N GLY A 280 -5.41 26.95 4.56
CA GLY A 280 -6.14 27.52 5.68
C GLY A 280 -6.13 29.03 5.68
N GLY A 281 -5.16 29.63 4.98
CA GLY A 281 -5.04 31.07 4.87
C GLY A 281 -3.94 31.65 5.75
N ALA A 282 -2.79 31.90 5.14
CA ALA A 282 -1.61 32.41 5.81
C ALA A 282 -0.49 32.54 4.77
N PRO A 283 0.53 33.35 5.04
CA PRO A 283 1.71 33.35 4.17
C PRO A 283 2.36 31.97 4.14
N SER A 284 2.83 31.58 2.95
CA SER A 284 3.34 30.24 2.72
C SER A 284 4.75 30.29 2.15
N THR A 285 5.48 29.19 2.34
CA THR A 285 6.87 29.06 1.91
C THR A 285 7.08 27.72 1.20
N SER A 286 6.17 27.38 0.30
CA SER A 286 6.26 26.13 -0.45
C SER A 286 7.39 26.22 -1.48
N GLU A 287 7.57 25.13 -2.23
CA GLU A 287 8.61 25.09 -3.26
C GLU A 287 8.47 26.25 -4.24
N GLU A 288 7.40 26.26 -5.02
CA GLU A 288 7.35 27.09 -6.23
C GLU A 288 7.64 28.55 -5.93
N VAL A 289 7.11 29.06 -4.81
CA VAL A 289 7.43 30.43 -4.41
C VAL A 289 8.91 30.55 -4.06
N LEU A 290 9.50 29.49 -3.52
CA LEU A 290 10.92 29.53 -3.18
C LEU A 290 11.80 29.57 -4.42
N GLU A 291 11.51 28.73 -5.43
CA GLU A 291 12.27 28.87 -6.67
C GLU A 291 12.00 30.21 -7.35
N GLU A 292 10.79 30.75 -7.17
CA GLU A 292 10.49 32.06 -7.75
C GLU A 292 11.34 33.16 -7.12
N LEU A 293 11.45 33.14 -5.79
CA LEU A 293 12.17 34.20 -5.07
C LEU A 293 13.66 33.93 -4.93
N ALA A 294 14.14 32.74 -5.31
CA ALA A 294 15.58 32.46 -5.21
C ALA A 294 16.40 33.35 -6.13
N LEU A 295 15.78 33.86 -7.20
CA LEU A 295 16.52 34.68 -8.16
C LEU A 295 16.96 36.01 -7.54
N ASP A 296 16.29 36.44 -6.48
CA ASP A 296 16.58 37.75 -5.91
C ASP A 296 17.58 37.64 -4.75
N TYR A 297 17.40 36.67 -3.88
CA TYR A 297 18.17 36.59 -2.64
C TYR A 297 18.75 35.19 -2.45
N PRO A 298 19.87 35.07 -1.74
CA PRO A 298 20.46 33.74 -1.55
C PRO A 298 19.77 32.92 -0.47
N LEU A 299 19.12 33.58 0.48
CA LEU A 299 18.42 32.86 1.55
C LEU A 299 17.39 31.87 1.01
N PRO A 300 16.55 32.23 0.03
CA PRO A 300 15.60 31.22 -0.49
C PRO A 300 16.27 29.96 -1.01
N LYS A 301 17.30 30.09 -1.86
CA LYS A 301 17.94 28.89 -2.40
C LYS A 301 18.63 28.09 -1.31
N VAL A 302 19.35 28.76 -0.40
CA VAL A 302 20.09 28.01 0.61
C VAL A 302 19.13 27.28 1.53
N ILE A 303 17.99 27.90 1.87
CA ILE A 303 17.02 27.16 2.67
C ILE A 303 16.33 26.09 1.83
N LEU A 304 16.34 26.21 0.50
CA LEU A 304 15.86 25.10 -0.32
C LEU A 304 16.74 23.86 -0.15
N GLU A 305 18.06 24.03 -0.31
CA GLU A 305 18.93 22.87 -0.08
C GLU A 305 18.82 22.40 1.37
N TYR A 306 18.66 23.34 2.32
CA TYR A 306 18.50 22.95 3.71
C TYR A 306 17.27 22.09 3.92
N ARG A 307 16.13 22.49 3.32
CA ARG A 307 14.91 21.71 3.45
C ARG A 307 15.09 20.31 2.86
N GLY A 308 15.67 20.22 1.67
CA GLY A 308 15.86 18.92 1.06
C GLY A 308 16.75 18.02 1.89
N LEU A 309 17.91 18.53 2.29
CA LEU A 309 18.87 17.73 3.05
C LEU A 309 18.30 17.33 4.41
N ALA A 310 17.62 18.27 5.08
CA ALA A 310 17.04 17.99 6.39
C ALA A 310 15.94 16.94 6.29
N LYS A 311 15.08 17.04 5.28
CA LYS A 311 14.06 16.01 5.08
C LYS A 311 14.70 14.65 4.88
N LEU A 312 15.67 14.57 3.97
CA LEU A 312 16.32 13.29 3.69
C LEU A 312 16.94 12.70 4.96
N LYS A 313 17.73 13.50 5.68
CA LYS A 313 18.43 13.00 6.86
C LYS A 313 17.44 12.60 7.96
N SER A 314 16.47 13.46 8.24
CA SER A 314 15.58 13.23 9.37
C SER A 314 14.62 12.08 9.11
N THR A 315 14.36 11.76 7.84
CA THR A 315 13.46 10.64 7.56
C THR A 315 14.22 9.34 7.33
N TYR A 316 15.04 9.29 6.28
CA TYR A 316 15.52 7.98 5.82
C TYR A 316 16.66 7.46 6.68
N THR A 317 17.74 8.24 6.81
CA THR A 317 18.90 7.78 7.54
C THR A 317 18.62 7.63 9.04
N ASP A 318 17.48 8.13 9.51
CA ASP A 318 17.14 8.05 10.92
C ASP A 318 15.99 7.10 11.22
N LYS A 319 15.24 6.65 10.21
CA LYS A 319 14.21 5.64 10.42
C LYS A 319 14.61 4.26 9.87
N LEU A 320 15.21 4.20 8.68
CA LEU A 320 15.50 2.92 8.05
C LEU A 320 16.43 2.03 8.89
N PRO A 321 17.56 2.53 9.39
CA PRO A 321 18.44 1.63 10.16
C PRO A 321 17.94 1.32 11.56
N LEU A 322 17.05 2.14 12.11
CA LEU A 322 16.60 1.93 13.48
C LEU A 322 15.56 0.80 13.58
N MET A 323 14.83 0.54 12.49
CA MET A 323 13.69 -0.37 12.52
C MET A 323 14.08 -1.79 12.09
N ILE A 324 15.38 -2.03 11.86
CA ILE A 324 15.82 -3.34 11.42
C ILE A 324 15.47 -4.40 12.45
N ASN A 325 14.98 -5.54 11.98
CA ASN A 325 14.61 -6.63 12.88
C ASN A 325 15.85 -7.22 13.52
N PRO A 326 15.84 -7.45 14.84
CA PRO A 326 17.07 -7.89 15.53
C PRO A 326 17.52 -9.30 15.15
N LYS A 327 16.62 -10.27 15.20
CA LYS A 327 17.05 -11.67 15.09
C LYS A 327 17.39 -12.05 13.66
N THR A 328 16.80 -11.39 12.67
CA THR A 328 17.05 -11.73 11.28
C THR A 328 17.86 -10.67 10.53
N GLY A 329 17.95 -9.45 11.05
CA GLY A 329 18.71 -8.42 10.39
C GLY A 329 18.14 -7.94 9.08
N ARG A 330 16.85 -8.15 8.84
CA ARG A 330 16.19 -7.76 7.61
C ARG A 330 14.96 -6.93 7.93
N VAL A 331 14.82 -5.79 7.23
CA VAL A 331 13.71 -4.90 7.48
C VAL A 331 12.41 -5.53 7.00
N HIS A 332 11.35 -5.36 7.78
CA HIS A 332 10.03 -5.91 7.46
C HIS A 332 9.01 -4.78 7.42
N THR A 333 8.20 -4.76 6.37
CA THR A 333 7.14 -3.79 6.18
C THR A 333 5.82 -4.36 6.68
N SER A 334 4.71 -3.68 6.36
CA SER A 334 3.38 -4.15 6.72
C SER A 334 2.53 -4.57 5.53
N TYR A 335 2.45 -3.73 4.50
CA TYR A 335 1.65 -3.99 3.30
C TYR A 335 0.18 -4.24 3.65
N HIS A 336 -0.45 -3.21 4.22
CA HIS A 336 -1.89 -3.24 4.40
C HIS A 336 -2.59 -3.13 3.04
N GLN A 337 -3.66 -3.88 2.86
CA GLN A 337 -4.31 -3.99 1.56
C GLN A 337 -5.55 -3.12 1.42
N ALA A 338 -6.47 -3.15 2.38
CA ALA A 338 -7.73 -2.43 2.27
C ALA A 338 -7.62 -1.05 2.93
N VAL A 339 -6.82 -0.19 2.31
CA VAL A 339 -6.60 1.17 2.80
C VAL A 339 -6.91 2.24 1.77
N THR A 340 -6.78 1.95 0.47
CA THR A 340 -6.94 2.95 -0.58
C THR A 340 -8.29 2.80 -1.25
N ALA A 341 -8.91 3.94 -1.56
CA ALA A 341 -10.18 3.92 -2.25
C ALA A 341 -10.05 3.36 -3.67
N THR A 342 -8.98 3.72 -4.37
CA THR A 342 -8.80 3.23 -5.74
C THR A 342 -8.63 1.72 -5.78
N GLY A 343 -7.80 1.17 -4.89
CA GLY A 343 -7.56 -0.26 -4.86
C GLY A 343 -6.10 -0.66 -4.81
N ARG A 344 -5.17 0.29 -4.91
CA ARG A 344 -3.75 -0.05 -4.92
C ARG A 344 -3.28 -0.40 -3.51
N LEU A 345 -2.19 -1.18 -3.45
CA LEU A 345 -1.57 -1.51 -2.17
C LEU A 345 -0.82 -0.29 -1.61
N SER A 346 -0.49 -0.37 -0.33
CA SER A 346 0.21 0.72 0.35
C SER A 346 1.05 0.17 1.49
N SER A 347 2.36 0.42 1.42
CA SER A 347 3.24 0.06 2.53
C SER A 347 2.95 0.97 3.73
N THR A 348 3.02 0.38 4.92
CA THR A 348 2.56 1.10 6.12
C THR A 348 3.69 1.41 7.09
N ASP A 349 4.42 0.40 7.55
CA ASP A 349 5.31 0.64 8.70
C ASP A 349 6.52 1.49 8.31
N PRO A 350 7.45 1.02 7.44
CA PRO A 350 8.59 1.88 7.10
C PRO A 350 8.40 2.64 5.78
N ASN A 351 7.33 2.30 5.05
CA ASN A 351 7.00 2.92 3.78
C ASN A 351 8.16 2.85 2.80
N LEU A 352 8.52 1.63 2.41
CA LEU A 352 9.54 1.43 1.38
C LEU A 352 8.96 1.59 -0.02
N GLN A 353 8.27 2.69 -0.27
CA GLN A 353 7.82 3.01 -1.61
C GLN A 353 8.23 4.41 -2.04
N ASN A 354 8.25 5.38 -1.12
CA ASN A 354 8.63 6.75 -1.44
C ASN A 354 10.13 6.98 -1.19
N ILE A 355 10.93 6.10 -1.77
CA ILE A 355 12.38 6.22 -1.72
C ILE A 355 12.80 7.24 -2.76
N PRO A 356 13.52 8.30 -2.38
CA PRO A 356 13.83 9.37 -3.34
C PRO A 356 14.68 8.87 -4.49
N VAL A 357 14.44 9.43 -5.67
CA VAL A 357 15.10 8.99 -6.89
C VAL A 357 15.80 10.15 -7.58
N ARG A 358 15.10 11.28 -7.74
CA ARG A 358 15.61 12.36 -8.58
C ARG A 358 16.92 12.94 -8.03
N ASN A 359 17.01 13.11 -6.72
CA ASN A 359 18.22 13.66 -6.13
C ASN A 359 19.35 12.63 -6.19
N GLU A 360 20.59 13.12 -6.34
CA GLU A 360 21.74 12.24 -6.35
C GLU A 360 21.87 11.51 -5.01
N GLU A 361 21.61 12.20 -3.91
CA GLU A 361 21.54 11.51 -2.62
C GLU A 361 20.35 10.56 -2.56
N GLY A 362 19.27 10.87 -3.30
CA GLY A 362 18.16 9.94 -3.39
C GLY A 362 18.54 8.64 -4.08
N ARG A 363 19.24 8.75 -5.21
CA ARG A 363 19.72 7.52 -5.83
C ARG A 363 20.83 6.87 -5.02
N ARG A 364 21.51 7.63 -4.15
CA ARG A 364 22.47 7.00 -3.23
C ARG A 364 21.76 6.16 -2.18
N ILE A 365 20.70 6.69 -1.56
CA ILE A 365 19.94 5.90 -0.59
C ILE A 365 19.26 4.73 -1.28
N ARG A 366 18.90 4.89 -2.57
CA ARG A 366 18.47 3.74 -3.35
C ARG A 366 19.60 2.72 -3.51
N GLN A 367 20.82 3.20 -3.76
CA GLN A 367 21.99 2.32 -3.84
C GLN A 367 22.21 1.55 -2.54
N ALA A 368 21.82 2.16 -1.41
CA ALA A 368 22.06 1.55 -0.11
C ALA A 368 21.37 0.19 0.01
N PHE A 369 20.22 0.03 -0.62
CA PHE A 369 19.50 -1.25 -0.58
C PHE A 369 20.28 -2.28 -1.40
N ILE A 370 20.79 -3.30 -0.72
CA ILE A 370 21.62 -4.33 -1.35
C ILE A 370 21.08 -5.70 -1.02
N ALA A 371 21.57 -6.70 -1.74
CA ALA A 371 21.18 -8.09 -1.60
C ALA A 371 22.27 -8.89 -0.91
N PRO A 372 21.92 -10.02 -0.27
CA PRO A 372 22.94 -10.86 0.37
C PRO A 372 23.87 -11.54 -0.61
N GLU A 373 24.74 -12.40 -0.09
CA GLU A 373 25.78 -13.02 -0.90
C GLU A 373 25.20 -13.87 -2.03
N ASP A 374 25.84 -13.81 -3.18
CA ASP A 374 25.50 -14.62 -4.36
C ASP A 374 24.09 -14.38 -4.87
N TYR A 375 23.48 -13.26 -4.50
CA TYR A 375 22.13 -12.91 -4.93
C TYR A 375 22.17 -11.57 -5.67
N VAL A 376 21.47 -11.50 -6.79
CA VAL A 376 21.46 -10.32 -7.65
C VAL A 376 20.03 -9.82 -7.77
N ILE A 377 19.86 -8.50 -7.79
CA ILE A 377 18.54 -7.88 -7.81
C ILE A 377 18.03 -7.81 -9.24
N VAL A 378 16.78 -8.24 -9.44
CA VAL A 378 16.13 -8.24 -10.74
C VAL A 378 14.86 -7.42 -10.64
N SER A 379 14.66 -6.51 -11.60
CA SER A 379 13.49 -5.64 -11.63
C SER A 379 12.65 -5.97 -12.86
N ALA A 380 11.35 -6.19 -12.64
CA ALA A 380 10.39 -6.41 -13.72
C ALA A 380 9.39 -5.27 -13.69
N ASP A 381 9.29 -4.52 -14.78
CA ASP A 381 8.53 -3.29 -14.80
C ASP A 381 7.62 -3.22 -16.02
N TYR A 382 6.40 -2.74 -15.82
CA TYR A 382 5.61 -2.24 -16.93
C TYR A 382 6.02 -0.80 -17.22
N SER A 383 5.78 -0.37 -18.46
CA SER A 383 6.04 1.00 -18.88
C SER A 383 4.76 1.60 -19.46
N GLN A 384 4.30 2.69 -18.88
CA GLN A 384 3.08 3.37 -19.31
C GLN A 384 1.91 2.39 -19.38
N ILE A 385 1.79 1.55 -18.35
CA ILE A 385 0.81 0.46 -18.37
C ILE A 385 -0.60 1.03 -18.44
N GLU A 386 -0.87 2.09 -17.67
CA GLU A 386 -2.19 2.69 -17.70
C GLU A 386 -2.45 3.43 -19.01
N LEU A 387 -1.41 3.85 -19.72
CA LEU A 387 -1.61 4.38 -21.06
C LEU A 387 -2.11 3.29 -22.01
N ARG A 388 -1.53 2.09 -21.91
CA ARG A 388 -2.07 0.96 -22.67
C ARG A 388 -3.49 0.65 -22.25
N ILE A 389 -3.78 0.73 -20.94
CA ILE A 389 -5.15 0.57 -20.47
C ILE A 389 -6.08 1.55 -21.15
N MET A 390 -5.66 2.82 -21.21
CA MET A 390 -6.52 3.87 -21.71
C MET A 390 -6.76 3.71 -23.20
N ALA A 391 -5.70 3.33 -23.94
CA ALA A 391 -5.83 3.07 -25.36
C ALA A 391 -6.73 1.87 -25.64
N HIS A 392 -6.60 0.81 -24.83
CA HIS A 392 -7.47 -0.36 -24.98
C HIS A 392 -8.92 -0.01 -24.73
N LEU A 393 -9.18 0.80 -23.69
CA LEU A 393 -10.55 1.09 -23.31
C LEU A 393 -11.22 2.09 -24.24
N SER A 394 -10.47 3.09 -24.73
CA SER A 394 -11.10 4.11 -25.57
C SER A 394 -11.05 3.75 -27.05
N ARG A 395 -10.19 2.81 -27.43
CA ARG A 395 -10.02 2.39 -28.82
C ARG A 395 -9.65 3.57 -29.72
N ASP A 396 -8.84 4.48 -29.18
CA ASP A 396 -8.37 5.62 -29.96
C ASP A 396 -7.28 5.18 -30.92
N LYS A 397 -7.50 5.41 -32.22
CA LYS A 397 -6.60 4.86 -33.23
C LYS A 397 -5.21 5.45 -33.13
N GLY A 398 -5.10 6.71 -32.68
CA GLY A 398 -3.77 7.31 -32.54
C GLY A 398 -2.91 6.60 -31.51
N LEU A 399 -3.49 6.35 -30.33
CA LEU A 399 -2.74 5.66 -29.28
C LEU A 399 -2.48 4.20 -29.68
N LEU A 400 -3.43 3.57 -30.36
CA LEU A 400 -3.24 2.21 -30.82
C LEU A 400 -2.06 2.13 -31.79
N THR A 401 -1.99 3.05 -32.75
CA THR A 401 -0.88 3.07 -33.68
C THR A 401 0.44 3.37 -32.97
N ALA A 402 0.42 4.33 -32.03
CA ALA A 402 1.64 4.68 -31.31
C ALA A 402 2.18 3.49 -30.53
N PHE A 403 1.29 2.74 -29.86
CA PHE A 403 1.75 1.58 -29.09
C PHE A 403 2.09 0.41 -29.98
N ALA A 404 1.46 0.31 -31.15
CA ALA A 404 1.86 -0.71 -32.12
C ALA A 404 3.28 -0.49 -32.61
N GLU A 405 3.62 0.77 -32.91
CA GLU A 405 5.00 1.09 -33.24
C GLU A 405 5.89 0.97 -32.02
N GLY A 406 5.39 1.38 -30.85
CA GLY A 406 6.21 1.46 -29.66
C GLY A 406 6.82 2.80 -29.39
N LYS A 407 6.26 3.88 -29.96
CA LYS A 407 6.82 5.21 -29.77
C LYS A 407 6.75 5.63 -28.31
N ASP A 408 7.77 6.37 -27.88
CA ASP A 408 7.80 6.94 -26.53
C ASP A 408 7.19 8.34 -26.58
N ILE A 409 5.89 8.36 -26.91
CA ILE A 409 5.14 9.61 -26.92
C ILE A 409 5.18 10.28 -25.55
N HIS A 410 5.26 9.47 -24.49
CA HIS A 410 5.48 9.98 -23.15
C HIS A 410 6.69 10.90 -23.10
N ARG A 411 7.73 10.56 -23.86
CA ARG A 411 8.93 11.39 -23.92
C ARG A 411 8.86 12.41 -25.06
N ALA A 412 8.14 12.08 -26.14
CA ALA A 412 8.03 13.02 -27.25
C ALA A 412 7.28 14.28 -26.86
N THR A 413 6.23 14.13 -26.07
CA THR A 413 5.51 15.31 -25.59
C THR A 413 6.36 16.16 -24.65
N ALA A 414 7.22 15.52 -23.85
CA ALA A 414 8.18 16.26 -23.04
C ALA A 414 9.12 17.04 -23.94
N ALA A 415 9.63 16.40 -24.98
CA ALA A 415 10.52 17.07 -25.92
C ALA A 415 9.82 18.27 -26.56
N GLU A 416 8.54 18.14 -26.87
CA GLU A 416 7.80 19.23 -27.50
C GLU A 416 7.58 20.38 -26.52
N VAL A 417 7.09 20.08 -25.31
CA VAL A 417 6.72 21.15 -24.38
C VAL A 417 7.96 21.87 -23.84
N PHE A 418 9.01 21.12 -23.51
CA PHE A 418 10.23 21.75 -23.02
C PHE A 418 11.10 22.31 -24.14
N GLY A 419 10.80 21.98 -25.39
CA GLY A 419 11.62 22.37 -26.50
C GLY A 419 12.84 21.51 -26.71
N LEU A 420 13.05 20.49 -25.87
CA LEU A 420 14.22 19.64 -25.99
C LEU A 420 14.13 18.78 -27.25
N PRO A 421 15.27 18.46 -27.86
CA PRO A 421 15.29 17.39 -28.86
C PRO A 421 14.89 16.06 -28.25
N LEU A 422 14.31 15.19 -29.09
CA LEU A 422 13.79 13.92 -28.61
C LEU A 422 14.87 13.07 -27.95
N GLU A 423 16.13 13.25 -28.36
CA GLU A 423 17.19 12.40 -27.82
C GLU A 423 17.79 12.96 -26.54
N THR A 424 17.65 14.26 -26.29
CA THR A 424 18.29 14.91 -25.15
C THR A 424 17.39 14.99 -23.92
N VAL A 425 16.18 14.44 -23.98
CA VAL A 425 15.27 14.51 -22.84
C VAL A 425 15.79 13.61 -21.73
N THR A 426 15.81 14.14 -20.50
CA THR A 426 16.33 13.43 -19.34
C THR A 426 15.18 12.88 -18.49
N SER A 427 15.56 12.17 -17.43
CA SER A 427 14.58 11.44 -16.62
C SER A 427 13.62 12.39 -15.91
N GLU A 428 14.13 13.48 -15.35
CA GLU A 428 13.26 14.41 -14.63
C GLU A 428 12.26 15.08 -15.57
N GLN A 429 12.68 15.38 -16.80
CA GLN A 429 11.73 15.89 -17.78
C GLN A 429 10.69 14.82 -18.13
N ARG A 430 11.10 13.56 -18.16
CA ARG A 430 10.14 12.48 -18.39
C ARG A 430 9.11 12.40 -17.27
N ARG A 431 9.55 12.57 -16.02
CA ARG A 431 8.60 12.59 -14.90
C ARG A 431 7.68 13.79 -14.97
N SER A 432 8.21 14.95 -15.36
CA SER A 432 7.37 16.13 -15.52
C SER A 432 6.32 15.91 -16.59
N ALA A 433 6.72 15.29 -17.72
CA ALA A 433 5.75 14.94 -18.74
C ALA A 433 4.72 13.95 -18.22
N LYS A 434 5.17 12.94 -17.46
CA LYS A 434 4.25 12.03 -16.80
C LYS A 434 3.15 12.81 -16.09
N ALA A 435 3.55 13.70 -15.17
CA ALA A 435 2.59 14.48 -14.41
C ALA A 435 1.68 15.29 -15.32
N ILE A 436 2.26 16.05 -16.25
CA ILE A 436 1.48 16.98 -17.07
C ILE A 436 0.47 16.22 -17.92
N ASN A 437 0.93 15.23 -18.68
CA ASN A 437 0.07 14.49 -19.59
C ASN A 437 -1.02 13.76 -18.84
N PHE A 438 -0.67 13.11 -17.73
CA PHE A 438 -1.65 12.27 -17.06
C PHE A 438 -2.67 13.12 -16.31
N GLY A 439 -2.24 14.26 -15.77
CA GLY A 439 -3.21 15.20 -15.25
C GLY A 439 -4.13 15.73 -16.34
N LEU A 440 -3.58 16.04 -17.51
CA LEU A 440 -4.41 16.46 -18.64
C LEU A 440 -5.45 15.42 -18.96
N ILE A 441 -5.08 14.14 -18.91
CA ILE A 441 -6.06 13.07 -19.01
C ILE A 441 -7.08 13.14 -17.89
N TYR A 442 -6.64 13.50 -16.68
CA TYR A 442 -7.53 13.54 -15.52
C TYR A 442 -8.12 14.92 -15.26
N GLY A 443 -8.26 15.75 -16.28
CA GLY A 443 -8.91 17.04 -16.11
C GLY A 443 -8.12 18.08 -15.37
N MET A 444 -6.80 17.96 -15.31
CA MET A 444 -5.96 18.93 -14.63
C MET A 444 -6.05 20.29 -15.32
N SER A 445 -6.42 21.30 -14.53
CA SER A 445 -6.76 22.62 -15.08
C SER A 445 -5.52 23.31 -15.63
N ALA A 446 -5.75 24.22 -16.58
CA ALA A 446 -4.65 24.94 -17.22
C ALA A 446 -3.90 25.80 -16.21
N PHE A 447 -4.57 26.28 -15.17
CA PHE A 447 -3.87 26.99 -14.10
C PHE A 447 -2.83 26.10 -13.45
N GLY A 448 -3.18 24.84 -13.20
CA GLY A 448 -2.22 23.91 -12.65
C GLY A 448 -1.05 23.67 -13.58
N LEU A 449 -1.30 23.64 -14.90
CA LEU A 449 -0.22 23.45 -15.86
C LEU A 449 0.71 24.67 -15.86
N ALA A 450 0.14 25.86 -15.80
CA ALA A 450 0.96 27.07 -15.70
C ALA A 450 1.79 27.06 -14.43
N ARG A 451 1.21 26.61 -13.31
CA ARG A 451 1.96 26.51 -12.07
C ARG A 451 3.08 25.48 -12.18
N GLN A 452 2.81 24.33 -12.81
CA GLN A 452 3.79 23.26 -12.87
C GLN A 452 4.97 23.60 -13.77
N LEU A 453 4.69 24.07 -14.98
CA LEU A 453 5.74 24.27 -15.98
C LEU A 453 6.16 25.73 -16.13
N ASN A 454 5.62 26.62 -15.31
CA ASN A 454 5.90 28.06 -15.34
C ASN A 454 5.54 28.70 -16.69
N ILE A 455 4.86 27.97 -17.56
CA ILE A 455 4.43 28.49 -18.85
C ILE A 455 3.21 29.38 -18.63
N PRO A 456 2.93 30.32 -19.54
CA PRO A 456 1.74 31.17 -19.37
C PRO A 456 0.45 30.34 -19.43
N ARG A 457 -0.57 30.82 -18.72
CA ARG A 457 -1.83 30.09 -18.63
C ARG A 457 -2.51 30.00 -19.98
N LYS A 458 -2.34 31.01 -20.83
CA LYS A 458 -2.89 30.97 -22.18
C LYS A 458 -2.32 29.80 -22.97
N GLU A 459 -1.01 29.59 -22.87
CA GLU A 459 -0.38 28.44 -23.52
C GLU A 459 -0.91 27.14 -22.94
N ALA A 460 -1.12 27.10 -21.62
CA ALA A 460 -1.66 25.90 -20.99
C ALA A 460 -3.03 25.56 -21.57
N GLN A 461 -3.92 26.56 -21.65
CA GLN A 461 -5.24 26.34 -22.21
C GLN A 461 -5.16 25.86 -23.66
N LYS A 462 -4.37 26.58 -24.48
CA LYS A 462 -4.31 26.26 -25.90
C LYS A 462 -3.75 24.86 -26.14
N TYR A 463 -2.71 24.50 -25.38
CA TYR A 463 -2.11 23.18 -25.57
C TYR A 463 -2.96 22.07 -24.98
N MET A 464 -3.77 22.36 -23.96
CA MET A 464 -4.75 21.38 -23.52
C MET A 464 -5.77 21.12 -24.61
N ASP A 465 -6.25 22.19 -25.25
CA ASP A 465 -7.16 22.03 -26.37
C ASP A 465 -6.51 21.24 -27.50
N LEU A 466 -5.25 21.53 -27.80
CA LEU A 466 -4.53 20.77 -28.83
C LEU A 466 -4.42 19.29 -28.47
N TYR A 467 -4.05 19.00 -27.22
CA TYR A 467 -3.88 17.62 -26.79
C TYR A 467 -5.19 16.85 -26.90
N PHE A 468 -6.30 17.50 -26.54
CA PHE A 468 -7.59 16.84 -26.72
C PHE A 468 -8.04 16.79 -28.18
N GLU A 469 -7.51 17.67 -29.03
CA GLU A 469 -7.76 17.53 -30.46
C GLU A 469 -7.06 16.30 -31.03
N ARG A 470 -5.83 16.03 -30.58
CA ARG A 470 -5.15 14.80 -30.98
C ARG A 470 -5.96 13.57 -30.61
N TYR A 471 -6.66 13.61 -29.47
CA TYR A 471 -7.35 12.44 -28.93
C TYR A 471 -8.77 12.84 -28.51
N PRO A 472 -9.69 13.01 -29.47
CA PRO A 472 -11.06 13.39 -29.11
C PRO A 472 -11.86 12.23 -28.52
N GLY A 473 -11.48 11.01 -28.92
CA GLY A 473 -12.09 9.83 -28.33
C GLY A 473 -11.88 9.78 -26.83
N VAL A 474 -10.72 10.25 -26.37
CA VAL A 474 -10.45 10.32 -24.94
C VAL A 474 -11.45 11.24 -24.25
N LEU A 475 -11.68 12.43 -24.83
CA LEU A 475 -12.60 13.39 -24.23
C LEU A 475 -14.02 12.84 -24.19
N GLU A 476 -14.47 12.22 -25.29
CA GLU A 476 -15.81 11.67 -25.28
C GLU A 476 -15.90 10.49 -24.31
N TYR A 477 -14.79 9.79 -24.07
CA TYR A 477 -14.82 8.72 -23.07
C TYR A 477 -14.97 9.29 -21.67
N MET A 478 -14.26 10.38 -21.34
CA MET A 478 -14.52 11.00 -20.05
C MET A 478 -15.97 11.48 -19.93
N GLU A 479 -16.53 12.02 -21.02
CA GLU A 479 -17.93 12.44 -20.98
C GLU A 479 -18.86 11.26 -20.71
N ARG A 480 -18.62 10.14 -21.39
CA ARG A 480 -19.43 8.94 -21.17
C ARG A 480 -19.30 8.45 -19.74
N THR A 481 -18.08 8.45 -19.20
CA THR A 481 -17.89 7.99 -17.82
C THR A 481 -18.54 8.96 -16.82
N ARG A 482 -18.55 10.26 -17.13
CA ARG A 482 -19.26 11.21 -16.29
C ARG A 482 -20.75 10.92 -16.28
N ALA A 483 -21.31 10.63 -17.46
CA ALA A 483 -22.73 10.27 -17.52
C ALA A 483 -23.01 8.98 -16.75
N GLN A 484 -22.11 7.99 -16.87
CA GLN A 484 -22.27 6.74 -16.16
C GLN A 484 -22.21 6.95 -14.65
N ALA A 485 -21.29 7.80 -14.18
CA ALA A 485 -21.21 8.11 -12.77
C ALA A 485 -22.47 8.83 -12.28
N LYS A 486 -23.00 9.73 -13.10
CA LYS A 486 -24.23 10.44 -12.73
C LYS A 486 -25.41 9.49 -12.62
N GLU A 487 -25.52 8.54 -13.56
CA GLU A 487 -26.67 7.64 -13.58
C GLU A 487 -26.54 6.49 -12.57
N GLN A 488 -25.50 5.67 -12.73
CA GLN A 488 -25.30 4.52 -11.85
C GLN A 488 -25.05 4.95 -10.41
N GLY A 489 -24.49 6.15 -10.20
CA GLY A 489 -24.06 6.57 -8.89
C GLY A 489 -22.70 6.03 -8.47
N TYR A 490 -22.02 5.31 -9.36
CA TYR A 490 -20.73 4.72 -9.05
C TYR A 490 -20.00 4.47 -10.36
N VAL A 491 -18.72 4.08 -10.24
CA VAL A 491 -17.90 3.76 -11.39
C VAL A 491 -17.26 2.40 -11.16
N GLU A 492 -17.31 1.55 -12.19
CA GLU A 492 -16.81 0.19 -12.12
C GLU A 492 -15.58 0.04 -13.01
N THR A 493 -14.61 -0.74 -12.53
CA THR A 493 -13.42 -1.04 -13.31
C THR A 493 -13.72 -2.11 -14.35
N LEU A 494 -12.69 -2.45 -15.13
CA LEU A 494 -12.87 -3.42 -16.21
C LEU A 494 -13.21 -4.80 -15.68
N ASP A 495 -12.53 -5.24 -14.62
CA ASP A 495 -12.77 -6.58 -14.09
C ASP A 495 -14.00 -6.62 -13.20
N GLY A 496 -14.39 -5.47 -12.64
CA GLY A 496 -15.62 -5.40 -11.84
C GLY A 496 -15.51 -4.64 -10.54
N ARG A 497 -14.32 -4.18 -10.12
CA ARG A 497 -14.23 -3.42 -8.88
C ARG A 497 -14.93 -2.08 -9.02
N ARG A 498 -15.61 -1.66 -7.94
CA ARG A 498 -16.49 -0.51 -7.98
C ARG A 498 -15.98 0.58 -7.04
N LEU A 499 -16.37 1.82 -7.33
CA LEU A 499 -16.12 2.97 -6.46
C LEU A 499 -17.41 3.77 -6.34
N TYR A 500 -18.01 3.75 -5.16
CA TYR A 500 -19.24 4.49 -4.94
C TYR A 500 -18.91 5.96 -4.65
N LEU A 501 -19.61 6.85 -5.33
CA LEU A 501 -19.40 8.29 -5.17
C LEU A 501 -20.68 8.95 -4.68
N PRO A 502 -20.82 9.25 -3.39
CA PRO A 502 -22.03 9.92 -2.91
C PRO A 502 -22.09 11.40 -3.22
N ASP A 503 -21.01 11.99 -3.75
CA ASP A 503 -20.97 13.41 -4.08
C ASP A 503 -21.31 13.68 -5.54
N ILE A 504 -21.66 12.65 -6.30
CA ILE A 504 -22.05 12.85 -7.69
C ILE A 504 -23.30 13.71 -7.82
N LYS A 505 -24.14 13.77 -6.79
CA LYS A 505 -25.28 14.66 -6.76
C LYS A 505 -24.84 16.09 -6.46
N SER A 506 -25.69 17.04 -6.85
CA SER A 506 -25.37 18.46 -6.75
C SER A 506 -25.09 18.89 -5.33
N SER A 507 -23.85 19.33 -5.08
CA SER A 507 -23.47 19.87 -3.78
C SER A 507 -22.41 20.95 -3.93
N ASN A 508 -22.86 22.21 -4.02
CA ASN A 508 -21.97 23.39 -4.10
C ASN A 508 -21.07 23.37 -5.33
N GLY A 509 -21.26 22.40 -6.23
CA GLY A 509 -20.53 22.40 -7.48
C GLY A 509 -19.07 22.03 -7.38
N ALA A 510 -18.31 22.77 -6.56
CA ALA A 510 -16.87 22.56 -6.47
C ALA A 510 -16.53 21.16 -5.98
N ARG A 511 -17.29 20.66 -5.01
CA ARG A 511 -17.06 19.30 -4.53
C ARG A 511 -17.29 18.27 -5.61
N ARG A 512 -18.28 18.49 -6.48
CA ARG A 512 -18.55 17.56 -7.57
C ARG A 512 -17.37 17.47 -8.53
N ALA A 513 -16.67 18.58 -8.76
CA ALA A 513 -15.52 18.57 -9.66
C ALA A 513 -14.45 17.60 -9.19
N ALA A 514 -14.17 17.60 -7.89
CA ALA A 514 -13.25 16.59 -7.33
C ALA A 514 -13.83 15.20 -7.48
N ALA A 515 -15.13 15.04 -7.20
CA ALA A 515 -15.78 13.75 -7.38
C ALA A 515 -15.78 13.34 -8.84
N GLU A 516 -16.01 14.29 -9.75
CA GLU A 516 -15.98 14.00 -11.18
C GLU A 516 -14.59 13.50 -11.60
N ARG A 517 -13.55 14.24 -11.24
CA ARG A 517 -12.19 13.84 -11.62
C ARG A 517 -11.82 12.50 -11.00
N ALA A 518 -12.27 12.24 -9.77
CA ALA A 518 -12.07 10.93 -9.17
C ALA A 518 -12.81 9.84 -9.93
N ALA A 519 -13.99 10.16 -10.47
CA ALA A 519 -14.73 9.19 -11.28
C ALA A 519 -13.95 8.82 -12.54
N ILE A 520 -13.34 9.81 -13.20
CA ILE A 520 -12.45 9.48 -14.32
C ILE A 520 -11.24 8.68 -13.83
N ASN A 521 -10.69 9.05 -12.67
CA ASN A 521 -9.44 8.44 -12.21
C ASN A 521 -9.61 6.96 -11.86
N ALA A 522 -10.74 6.61 -11.26
CA ALA A 522 -10.89 5.28 -10.65
C ALA A 522 -10.63 4.12 -11.59
N PRO A 523 -11.24 4.03 -12.78
CA PRO A 523 -11.06 2.81 -13.60
C PRO A 523 -9.63 2.54 -13.98
N MET A 524 -8.90 3.56 -14.45
CA MET A 524 -7.57 3.36 -15.00
C MET A 524 -6.61 2.84 -13.95
N GLN A 525 -6.52 3.54 -12.82
CA GLN A 525 -5.60 3.13 -11.76
C GLN A 525 -6.06 1.84 -11.10
N GLY A 526 -7.39 1.65 -10.97
CA GLY A 526 -7.88 0.40 -10.41
C GLY A 526 -7.50 -0.80 -11.25
N THR A 527 -7.66 -0.69 -12.57
CA THR A 527 -7.28 -1.78 -13.46
C THR A 527 -5.77 -2.00 -13.45
N ALA A 528 -4.98 -0.92 -13.39
CA ALA A 528 -3.53 -1.09 -13.29
C ALA A 528 -3.15 -1.87 -12.04
N ALA A 529 -3.73 -1.49 -10.89
CA ALA A 529 -3.44 -2.18 -9.65
C ALA A 529 -3.91 -3.64 -9.70
N ASP A 530 -5.07 -3.89 -10.30
CA ASP A 530 -5.59 -5.24 -10.39
C ASP A 530 -4.69 -6.11 -11.28
N ILE A 531 -4.20 -5.56 -12.38
CA ILE A 531 -3.28 -6.28 -13.24
C ILE A 531 -1.99 -6.61 -12.48
N ILE A 532 -1.46 -5.64 -11.73
CA ILE A 532 -0.25 -5.89 -10.94
C ILE A 532 -0.51 -7.02 -9.94
N LYS A 533 -1.68 -6.99 -9.29
CA LYS A 533 -2.00 -7.98 -8.28
C LYS A 533 -2.12 -9.38 -8.89
N ARG A 534 -2.79 -9.49 -10.04
CA ARG A 534 -2.93 -10.80 -10.68
C ARG A 534 -1.59 -11.31 -11.21
N ALA A 535 -0.74 -10.41 -11.71
CA ALA A 535 0.60 -10.82 -12.11
C ALA A 535 1.38 -11.36 -10.92
N MET A 536 1.27 -10.70 -9.76
CA MET A 536 1.89 -11.23 -8.56
C MET A 536 1.34 -12.60 -8.20
N ILE A 537 0.02 -12.78 -8.32
CA ILE A 537 -0.59 -14.06 -7.99
C ILE A 537 -0.02 -15.18 -8.85
N ALA A 538 0.02 -14.95 -10.17
CA ALA A 538 0.54 -15.97 -11.07
C ALA A 538 2.02 -16.23 -10.82
N VAL A 539 2.80 -15.17 -10.60
CA VAL A 539 4.23 -15.34 -10.36
C VAL A 539 4.48 -16.15 -9.10
N ASP A 540 3.76 -15.85 -8.02
CA ASP A 540 3.96 -16.59 -6.78
C ASP A 540 3.44 -18.02 -6.89
N ALA A 541 2.41 -18.24 -7.72
CA ALA A 541 1.98 -19.60 -7.98
C ALA A 541 3.09 -20.40 -8.64
N TRP A 542 3.76 -19.80 -9.63
CA TRP A 542 4.90 -20.49 -10.25
C TRP A 542 6.04 -20.68 -9.25
N LEU A 543 6.27 -19.68 -8.39
CA LEU A 543 7.24 -19.81 -7.31
C LEU A 543 6.98 -21.05 -6.46
N GLN A 544 5.74 -21.22 -5.99
CA GLN A 544 5.44 -22.34 -5.13
C GLN A 544 5.44 -23.65 -5.90
N ALA A 545 5.13 -23.61 -7.20
CA ALA A 545 5.12 -24.82 -8.01
C ALA A 545 6.53 -25.36 -8.23
N GLU A 546 7.46 -24.49 -8.64
CA GLU A 546 8.79 -24.95 -9.02
C GLU A 546 9.77 -24.97 -7.85
N GLN A 547 9.62 -24.05 -6.91
CA GLN A 547 10.54 -23.90 -5.78
C GLN A 547 12.01 -23.79 -6.17
N PRO A 548 12.39 -22.80 -6.99
CA PRO A 548 13.80 -22.53 -7.22
C PRO A 548 14.31 -21.45 -6.27
N ARG A 549 15.57 -21.05 -6.48
CA ARG A 549 16.20 -20.09 -5.58
C ARG A 549 15.63 -18.69 -5.69
N VAL A 550 14.79 -18.41 -6.70
CA VAL A 550 14.21 -17.09 -6.84
C VAL A 550 13.31 -16.78 -5.66
N ARG A 551 13.40 -15.54 -5.18
CA ARG A 551 12.54 -15.03 -4.11
C ARG A 551 12.03 -13.65 -4.52
N MET A 552 10.87 -13.30 -3.99
CA MET A 552 10.25 -12.00 -4.25
C MET A 552 10.23 -11.23 -2.94
N ILE A 553 10.65 -9.98 -2.97
CA ILE A 553 10.84 -9.19 -1.76
C ILE A 553 9.94 -7.96 -1.73
N MET A 554 9.83 -7.23 -2.84
CA MET A 554 9.32 -5.88 -2.80
C MET A 554 8.29 -5.67 -3.91
N GLN A 555 7.29 -4.84 -3.62
CA GLN A 555 6.31 -4.43 -4.63
C GLN A 555 6.24 -2.90 -4.58
N VAL A 556 6.65 -2.28 -5.68
CA VAL A 556 6.39 -0.86 -5.89
C VAL A 556 5.31 -0.71 -6.97
N HIS A 557 4.47 0.32 -6.82
CA HIS A 557 3.44 0.57 -7.82
C HIS A 557 4.03 0.56 -9.22
N ASP A 558 3.58 -0.40 -10.03
CA ASP A 558 4.14 -0.67 -11.36
C ASP A 558 5.63 -1.00 -11.24
N GLU A 559 5.93 -2.00 -10.41
CA GLU A 559 7.28 -2.53 -10.25
C GLU A 559 7.21 -3.82 -9.42
N LEU A 560 8.02 -4.80 -9.82
CA LEU A 560 8.11 -6.07 -9.11
C LEU A 560 9.59 -6.42 -8.96
N VAL A 561 10.12 -6.23 -7.75
CA VAL A 561 11.53 -6.45 -7.47
C VAL A 561 11.73 -7.89 -6.99
N PHE A 562 12.70 -8.58 -7.55
CA PHE A 562 12.92 -9.99 -7.30
C PHE A 562 14.22 -10.21 -6.52
N GLU A 563 14.56 -11.48 -6.34
CA GLU A 563 15.77 -11.90 -5.64
C GLU A 563 16.19 -13.25 -6.20
N VAL A 564 17.23 -13.27 -7.04
CA VAL A 564 17.68 -14.47 -7.71
C VAL A 564 19.17 -14.67 -7.44
N HIS A 565 19.60 -15.92 -7.53
CA HIS A 565 21.02 -16.24 -7.45
C HIS A 565 21.73 -15.77 -8.71
N LYS A 566 23.00 -15.41 -8.56
CA LYS A 566 23.77 -14.89 -9.69
C LYS A 566 23.93 -15.92 -10.80
N ASP A 567 23.88 -17.21 -10.47
CA ASP A 567 24.07 -18.24 -11.48
C ASP A 567 22.92 -18.26 -12.49
N ASP A 568 21.69 -18.13 -12.03
CA ASP A 568 20.51 -18.17 -12.90
C ASP A 568 19.88 -16.78 -12.94
N VAL A 569 20.00 -16.12 -14.09
CA VAL A 569 19.47 -14.77 -14.25
C VAL A 569 18.54 -14.70 -15.45
N ASP A 570 19.01 -15.15 -16.61
CA ASP A 570 18.24 -14.97 -17.84
C ASP A 570 17.02 -15.89 -17.88
N ALA A 571 17.13 -17.09 -17.32
CA ALA A 571 16.01 -18.03 -17.35
C ALA A 571 14.82 -17.50 -16.57
N VAL A 572 15.07 -17.01 -15.35
CA VAL A 572 13.98 -16.43 -14.57
C VAL A 572 13.48 -15.15 -15.23
N ALA A 573 14.34 -14.42 -15.94
CA ALA A 573 13.89 -13.23 -16.65
C ALA A 573 12.89 -13.61 -17.75
N LYS A 574 13.19 -14.67 -18.50
CA LYS A 574 12.26 -15.13 -19.54
C LYS A 574 10.98 -15.66 -18.92
N GLN A 575 11.08 -16.35 -17.78
CA GLN A 575 9.89 -16.85 -17.10
C GLN A 575 8.99 -15.69 -16.67
N ILE A 576 9.59 -14.64 -16.09
CA ILE A 576 8.84 -13.46 -15.71
C ILE A 576 8.23 -12.80 -16.93
N HIS A 577 8.98 -12.71 -18.03
CA HIS A 577 8.43 -12.17 -19.26
C HIS A 577 7.17 -12.92 -19.67
N GLN A 578 7.25 -14.25 -19.72
CA GLN A 578 6.13 -15.06 -20.19
C GLN A 578 4.91 -14.89 -19.28
N LEU A 579 5.11 -14.97 -17.96
CA LEU A 579 3.97 -14.87 -17.05
C LEU A 579 3.40 -13.46 -17.02
N MET A 580 4.26 -12.45 -16.85
CA MET A 580 3.81 -11.08 -16.62
C MET A 580 3.22 -10.46 -17.88
N GLU A 581 3.76 -10.81 -19.06
CA GLU A 581 3.18 -10.31 -20.30
C GLU A 581 1.79 -10.87 -20.54
N ASN A 582 1.58 -12.15 -20.22
CA ASN A 582 0.33 -12.85 -20.55
C ASN A 582 -0.66 -12.88 -19.41
N CYS A 583 -0.42 -12.12 -18.32
CA CYS A 583 -1.32 -12.17 -17.17
C CYS A 583 -2.71 -11.66 -17.52
N THR A 584 -2.79 -10.55 -18.25
CA THR A 584 -4.05 -9.88 -18.54
C THR A 584 -4.33 -9.92 -20.04
N ARG A 585 -5.57 -10.25 -20.39
CA ARG A 585 -6.02 -10.26 -21.78
C ARG A 585 -6.31 -8.84 -22.21
N LEU A 586 -5.43 -8.28 -23.04
CA LEU A 586 -5.56 -6.89 -23.47
C LEU A 586 -5.16 -6.79 -24.93
N ASP A 587 -5.67 -5.75 -25.60
CA ASP A 587 -5.47 -5.62 -27.04
C ASP A 587 -4.00 -5.48 -27.40
N VAL A 588 -3.31 -4.54 -26.76
CA VAL A 588 -1.89 -4.30 -27.09
C VAL A 588 -1.03 -5.05 -26.08
N PRO A 589 0.18 -5.44 -26.43
CA PRO A 589 1.03 -6.18 -25.48
C PRO A 589 1.40 -5.33 -24.28
N LEU A 590 1.54 -6.00 -23.13
CA LEU A 590 1.89 -5.34 -21.87
C LEU A 590 3.42 -5.30 -21.74
N LEU A 591 4.02 -4.43 -22.56
CA LEU A 591 5.47 -4.42 -22.73
C LEU A 591 6.19 -4.26 -21.39
N VAL A 592 7.22 -5.08 -21.18
CA VAL A 592 7.92 -5.18 -19.91
C VAL A 592 9.40 -4.89 -20.15
N GLU A 593 9.98 -4.03 -19.32
CA GLU A 593 11.40 -3.68 -19.40
C GLU A 593 12.11 -4.28 -18.19
N VAL A 594 12.63 -5.49 -18.37
CA VAL A 594 13.32 -6.18 -17.29
C VAL A 594 14.69 -5.53 -17.07
N GLY A 595 15.16 -5.57 -15.82
CA GLY A 595 16.47 -5.04 -15.49
C GLY A 595 17.17 -5.84 -14.42
N SER A 596 18.50 -5.88 -14.47
CA SER A 596 19.30 -6.64 -13.52
C SER A 596 20.51 -5.82 -13.11
N GLY A 597 20.77 -5.76 -11.81
CA GLY A 597 21.91 -5.04 -11.29
C GLY A 597 22.32 -5.56 -9.92
N GLU A 598 23.43 -5.03 -9.43
CA GLU A 598 23.95 -5.46 -8.13
C GLU A 598 23.00 -5.04 -7.00
N ASN A 599 22.59 -3.78 -6.98
CA ASN A 599 21.69 -3.27 -5.96
C ASN A 599 20.44 -2.68 -6.62
N TRP A 600 19.59 -2.09 -5.78
CA TRP A 600 18.30 -1.60 -6.26
C TRP A 600 18.47 -0.51 -7.30
N ASP A 601 19.39 0.44 -7.06
CA ASP A 601 19.61 1.52 -8.02
C ASP A 601 20.23 1.00 -9.32
N GLN A 602 21.05 -0.06 -9.24
CA GLN A 602 21.62 -0.62 -10.45
C GLN A 602 20.54 -1.17 -11.37
N ALA A 603 19.50 -1.78 -10.80
CA ALA A 603 18.37 -2.24 -11.61
C ALA A 603 17.66 -1.06 -12.27
N HIS A 604 17.45 0.01 -11.52
CA HIS A 604 16.81 1.21 -12.05
C HIS A 604 17.00 2.40 -11.10
MG MG E . -1.06 -6.80 9.83
#